data_3I9W
#
_entry.id   3I9W
#
_cell.length_a   61.528
_cell.length_b   137.112
_cell.length_c   123.239
_cell.angle_alpha   90.000
_cell.angle_beta   90.000
_cell.angle_gamma   90.000
#
_symmetry.space_group_name_H-M   'C 2 2 21'
#
loop_
_entity.id
_entity.type
_entity.pdbx_description
1 polymer 'Sensor protein torS'
2 water water
#
_entity_poly.entity_id   1
_entity_poly.type   'polypeptide(L)'
_entity_poly.pdbx_seq_one_letter_code
;GSHMSQVEKDNTQALIPTMNMARQLSEASAWELFAAQNLTSADNEKMWQAQGRMLTAQSLKINALLQALREQGFDTTAIE
QQEQEISRSLRQQGELVGQRLQLRQQQQQLSQQIVAAADEIARLAQGQANNATTSAGATQAGIYDLIEQDQRQAAESALD
RLIDIDLEYVNQMNELRLSALRVQQMVMNLGLEQIQKNAPTLEKQLNNAVKILQRRQIRIEDPGVRAQVATTLTTVSQYS
DLLALYQQDSEISNHLQTLAQNNIAQFAQFSSEVSQLVDTIELRNQHGLA
;
_entity_poly.pdbx_strand_id   A
#
# COMPACT_ATOMS: atom_id res chain seq x y z
N PRO A 17 26.54 -39.67 21.73
CA PRO A 17 26.49 -39.03 23.06
C PRO A 17 25.46 -37.91 23.16
N THR A 18 25.29 -37.40 24.38
CA THR A 18 24.35 -36.33 24.67
C THR A 18 24.92 -34.99 24.21
N MET A 19 26.22 -34.98 23.92
CA MET A 19 26.89 -33.77 23.48
C MET A 19 26.37 -33.35 22.12
N ASN A 20 26.20 -34.31 21.22
CA ASN A 20 25.70 -34.03 19.89
C ASN A 20 24.36 -33.32 19.97
N MET A 21 23.71 -33.43 21.13
CA MET A 21 22.43 -32.78 21.31
C MET A 21 22.61 -31.29 21.54
N ALA A 22 23.51 -30.92 22.45
CA ALA A 22 23.78 -29.52 22.73
C ALA A 22 24.09 -28.77 21.44
N ARG A 23 24.80 -29.40 20.52
CA ARG A 23 25.15 -28.76 19.26
C ARG A 23 23.88 -28.48 18.46
N GLN A 24 22.97 -29.46 18.43
CA GLN A 24 21.70 -29.32 17.72
C GLN A 24 20.79 -28.33 18.43
N LEU A 25 20.83 -28.34 19.76
CA LEU A 25 20.03 -27.42 20.55
C LEU A 25 20.47 -25.99 20.21
N SER A 26 21.77 -25.76 20.15
CA SER A 26 22.29 -24.44 19.82
C SER A 26 21.88 -24.12 18.38
N GLU A 27 22.03 -25.10 17.51
CA GLU A 27 21.69 -24.95 16.11
C GLU A 27 20.20 -24.66 15.87
N ALA A 28 19.34 -25.37 16.58
CA ALA A 28 17.91 -25.19 16.42
C ALA A 28 17.54 -23.78 16.85
N SER A 29 18.15 -23.35 17.94
CA SER A 29 17.93 -22.01 18.48
C SER A 29 18.45 -20.93 17.55
N ALA A 30 19.55 -21.20 16.86
CA ALA A 30 20.12 -20.23 15.93
C ALA A 30 19.19 -20.08 14.74
N TRP A 31 18.62 -21.20 14.30
CA TRP A 31 17.72 -21.15 13.18
C TRP A 31 16.36 -20.65 13.59
N GLU A 32 15.97 -20.95 14.82
CA GLU A 32 14.68 -20.49 15.31
C GLU A 32 14.72 -18.98 15.38
N LEU A 33 15.67 -18.46 16.16
CA LEU A 33 15.83 -17.02 16.32
C LEU A 33 16.05 -16.38 14.96
N PHE A 34 16.62 -17.15 14.04
CA PHE A 34 16.85 -16.64 12.69
C PHE A 34 15.54 -16.59 11.89
N ALA A 35 14.69 -17.61 12.06
CA ALA A 35 13.40 -17.65 11.36
C ALA A 35 12.50 -16.57 11.96
N ALA A 36 12.50 -16.49 13.28
CA ALA A 36 11.69 -15.51 13.97
C ALA A 36 12.15 -14.14 13.52
N GLN A 37 13.45 -14.02 13.30
CA GLN A 37 14.05 -12.75 12.88
C GLN A 37 13.56 -12.36 11.47
N ASN A 38 13.68 -13.28 10.52
CA ASN A 38 13.24 -13.04 9.15
C ASN A 38 11.73 -12.87 9.03
N LEU A 39 10.99 -13.65 9.81
CA LEU A 39 9.54 -13.60 9.79
C LEU A 39 9.02 -12.20 10.11
N THR A 40 9.46 -11.65 11.25
CA THR A 40 9.03 -10.33 11.68
C THR A 40 9.34 -9.24 10.66
N SER A 41 10.27 -9.52 9.75
CA SER A 41 10.58 -8.58 8.67
C SER A 41 9.54 -8.89 7.61
N ALA A 42 9.88 -9.85 6.75
CA ALA A 42 9.00 -10.30 5.68
C ALA A 42 8.47 -9.15 4.82
N ASP A 43 9.01 -9.05 3.61
CA ASP A 43 8.64 -8.01 2.63
C ASP A 43 7.55 -8.58 1.73
N ASN A 44 7.77 -9.81 1.27
CA ASN A 44 6.84 -10.50 0.39
C ASN A 44 6.12 -11.62 1.13
N GLU A 45 5.12 -12.19 0.47
CA GLU A 45 4.33 -13.28 1.01
C GLU A 45 5.20 -14.53 1.12
N LYS A 46 5.98 -14.77 0.07
CA LYS A 46 6.89 -15.90 -0.03
C LYS A 46 7.80 -15.97 1.20
N MET A 47 8.43 -14.85 1.57
CA MET A 47 9.31 -14.86 2.73
C MET A 47 8.55 -15.11 4.02
N TRP A 48 7.39 -14.46 4.16
CA TRP A 48 6.54 -14.61 5.34
C TRP A 48 6.17 -16.09 5.51
N GLN A 49 5.63 -16.68 4.45
CA GLN A 49 5.24 -18.06 4.46
C GLN A 49 6.41 -18.97 4.77
N ALA A 50 7.49 -18.83 3.99
CA ALA A 50 8.68 -19.67 4.20
C ALA A 50 9.21 -19.58 5.63
N GLN A 51 9.31 -18.36 6.14
CA GLN A 51 9.81 -18.17 7.49
C GLN A 51 8.88 -18.67 8.58
N GLY A 52 7.58 -18.51 8.38
CA GLY A 52 6.62 -18.98 9.37
C GLY A 52 6.72 -20.49 9.47
N ARG A 53 6.86 -21.14 8.32
CA ARG A 53 6.97 -22.58 8.32
C ARG A 53 8.22 -23.03 9.05
N MET A 54 9.34 -22.43 8.70
CA MET A 54 10.64 -22.71 9.32
C MET A 54 10.54 -22.50 10.82
N LEU A 55 10.01 -21.36 11.25
CA LEU A 55 9.89 -21.11 12.67
C LEU A 55 9.13 -22.27 13.32
N THR A 56 7.97 -22.64 12.75
CA THR A 56 7.15 -23.72 13.31
C THR A 56 7.95 -25.01 13.42
N ALA A 57 8.61 -25.38 12.33
CA ALA A 57 9.42 -26.58 12.29
C ALA A 57 10.52 -26.54 13.35
N GLN A 58 11.27 -25.45 13.43
CA GLN A 58 12.34 -25.35 14.42
C GLN A 58 11.78 -25.49 15.84
N SER A 59 10.64 -24.87 16.09
CA SER A 59 10.04 -24.97 17.42
C SER A 59 9.75 -26.43 17.76
N LEU A 60 9.44 -27.21 16.74
CA LEU A 60 9.14 -28.62 16.88
C LEU A 60 10.43 -29.39 17.14
N LYS A 61 11.51 -29.01 16.47
CA LYS A 61 12.80 -29.66 16.69
C LYS A 61 13.28 -29.37 18.12
N ILE A 62 13.14 -28.13 18.54
CA ILE A 62 13.56 -27.78 19.88
C ILE A 62 12.76 -28.54 20.92
N ASN A 63 11.48 -28.75 20.66
CA ASN A 63 10.63 -29.47 21.59
C ASN A 63 11.07 -30.93 21.68
N ALA A 64 11.44 -31.50 20.55
CA ALA A 64 11.87 -32.90 20.49
C ALA A 64 13.21 -33.05 21.18
N LEU A 65 14.12 -32.10 20.94
CA LEU A 65 15.43 -32.12 21.57
C LEU A 65 15.27 -32.01 23.08
N LEU A 66 14.54 -30.99 23.54
CA LEU A 66 14.33 -30.79 24.96
C LEU A 66 13.78 -32.05 25.62
N GLN A 67 12.90 -32.74 24.93
CA GLN A 67 12.33 -33.95 25.50
C GLN A 67 13.37 -35.08 25.55
N ALA A 68 14.33 -35.04 24.63
CA ALA A 68 15.37 -36.06 24.60
C ALA A 68 16.33 -35.79 25.76
N LEU A 69 16.71 -34.54 25.93
CA LEU A 69 17.61 -34.15 27.00
C LEU A 69 16.96 -34.39 28.34
N ARG A 70 15.71 -33.96 28.48
CA ARG A 70 14.97 -34.11 29.73
C ARG A 70 15.05 -35.55 30.26
N GLU A 71 14.99 -36.54 29.36
CA GLU A 71 15.08 -37.92 29.81
C GLU A 71 16.52 -38.36 29.87
N GLN A 72 17.37 -37.45 30.32
CA GLN A 72 18.81 -37.67 30.49
C GLN A 72 19.15 -37.03 31.81
N GLY A 73 18.13 -36.84 32.64
CA GLY A 73 18.34 -36.22 33.94
C GLY A 73 18.56 -34.73 33.85
N PHE A 74 18.57 -34.19 32.62
CA PHE A 74 18.75 -32.75 32.42
C PHE A 74 17.43 -32.04 32.63
N ASP A 75 17.47 -30.80 33.14
CA ASP A 75 16.24 -30.06 33.37
C ASP A 75 15.95 -29.06 32.24
N THR A 76 14.83 -29.28 31.55
CA THR A 76 14.43 -28.44 30.43
C THR A 76 13.17 -27.60 30.66
N THR A 77 12.56 -27.72 31.83
CA THR A 77 11.33 -27.01 32.15
C THR A 77 11.37 -25.48 32.07
N ALA A 78 12.53 -24.88 32.23
CA ALA A 78 12.63 -23.42 32.14
C ALA A 78 12.65 -23.00 30.68
N ILE A 79 13.31 -23.81 29.85
CA ILE A 79 13.43 -23.57 28.43
C ILE A 79 12.13 -23.95 27.73
N GLU A 80 11.50 -25.03 28.19
CA GLU A 80 10.24 -25.46 27.59
C GLU A 80 9.22 -24.35 27.65
N GLN A 81 9.14 -23.70 28.81
CA GLN A 81 8.21 -22.60 29.00
C GLN A 81 8.54 -21.41 28.12
N GLN A 82 9.73 -20.83 28.33
CA GLN A 82 10.19 -19.67 27.57
C GLN A 82 9.93 -19.86 26.08
N GLU A 83 10.32 -21.01 25.56
CA GLU A 83 10.14 -21.33 24.16
C GLU A 83 8.66 -21.38 23.81
N GLN A 84 7.82 -21.77 24.75
CA GLN A 84 6.40 -21.80 24.43
C GLN A 84 5.85 -20.37 24.36
N GLU A 85 6.27 -19.50 25.28
CA GLU A 85 5.83 -18.11 25.29
C GLU A 85 6.24 -17.47 23.98
N ILE A 86 7.48 -17.76 23.58
CA ILE A 86 8.05 -17.22 22.36
C ILE A 86 7.32 -17.69 21.12
N SER A 87 6.85 -18.93 21.12
CA SER A 87 6.14 -19.42 19.96
C SER A 87 4.79 -18.73 19.88
N ARG A 88 4.14 -18.53 21.03
CA ARG A 88 2.85 -17.85 21.05
C ARG A 88 3.00 -16.41 20.55
N SER A 89 4.01 -15.72 21.09
CA SER A 89 4.28 -14.34 20.74
C SER A 89 4.59 -14.14 19.28
N LEU A 90 5.33 -15.08 18.69
CA LEU A 90 5.66 -14.96 17.27
C LEU A 90 4.51 -15.37 16.37
N ARG A 91 3.59 -16.19 16.88
CA ARG A 91 2.41 -16.59 16.12
C ARG A 91 1.63 -15.30 15.87
N GLN A 92 1.37 -14.58 16.95
CA GLN A 92 0.67 -13.31 16.85
C GLN A 92 1.40 -12.39 15.87
N GLN A 93 2.67 -12.09 16.13
CA GLN A 93 3.40 -11.23 15.23
C GLN A 93 3.35 -11.73 13.78
N GLY A 94 3.54 -13.03 13.57
CA GLY A 94 3.49 -13.56 12.22
C GLY A 94 2.15 -13.24 11.57
N GLU A 95 1.07 -13.37 12.34
CA GLU A 95 -0.26 -13.10 11.83
C GLU A 95 -0.32 -11.64 11.44
N LEU A 96 0.02 -10.77 12.39
CA LEU A 96 0.01 -9.34 12.15
C LEU A 96 0.79 -8.88 10.90
N VAL A 97 1.97 -9.41 10.63
CA VAL A 97 2.68 -8.95 9.44
C VAL A 97 2.03 -9.60 8.23
N GLY A 98 1.21 -10.60 8.50
CA GLY A 98 0.51 -11.28 7.42
C GLY A 98 -0.64 -10.40 6.95
N GLN A 99 -1.34 -9.80 7.89
CA GLN A 99 -2.46 -8.93 7.56
C GLN A 99 -1.89 -7.66 6.96
N ARG A 100 -0.84 -7.15 7.59
CA ARG A 100 -0.21 -5.94 7.11
C ARG A 100 0.24 -6.14 5.68
N LEU A 101 0.89 -7.27 5.40
CA LEU A 101 1.33 -7.53 4.04
C LEU A 101 0.15 -7.42 3.09
N GLN A 102 -1.00 -7.97 3.48
CA GLN A 102 -2.20 -7.87 2.65
C GLN A 102 -2.57 -6.40 2.39
N LEU A 103 -2.71 -5.64 3.46
CA LEU A 103 -3.03 -4.21 3.39
C LEU A 103 -2.08 -3.51 2.41
N ARG A 104 -0.78 -3.65 2.61
CA ARG A 104 0.21 -3.02 1.73
C ARG A 104 0.00 -3.47 0.28
N GLN A 105 -0.67 -4.59 0.09
CA GLN A 105 -0.91 -5.09 -1.27
C GLN A 105 -2.17 -4.44 -1.82
N GLN A 106 -3.14 -4.23 -0.94
CA GLN A 106 -4.38 -3.60 -1.33
C GLN A 106 -4.12 -2.13 -1.62
N GLN A 107 -3.30 -1.51 -0.78
CA GLN A 107 -2.96 -0.11 -0.98
C GLN A 107 -2.37 0.07 -2.35
N GLN A 108 -1.46 -0.81 -2.74
CA GLN A 108 -0.83 -0.70 -4.03
C GLN A 108 -1.84 -0.85 -5.16
N GLN A 109 -2.69 -1.86 -5.06
CA GLN A 109 -3.68 -2.12 -6.09
C GLN A 109 -4.66 -0.97 -6.23
N LEU A 110 -5.25 -0.55 -5.12
CA LEU A 110 -6.21 0.54 -5.13
C LEU A 110 -5.62 1.84 -5.66
N SER A 111 -4.44 2.20 -5.16
CA SER A 111 -3.76 3.43 -5.59
C SER A 111 -3.44 3.35 -7.07
N GLN A 112 -3.03 2.17 -7.52
CA GLN A 112 -2.69 1.93 -8.91
C GLN A 112 -3.89 2.31 -9.77
N GLN A 113 -5.06 1.89 -9.31
CA GLN A 113 -6.31 2.12 -10.01
C GLN A 113 -6.75 3.57 -10.01
N ILE A 114 -6.65 4.20 -8.84
CA ILE A 114 -7.07 5.58 -8.74
C ILE A 114 -6.24 6.49 -9.64
N VAL A 115 -4.92 6.36 -9.63
CA VAL A 115 -4.14 7.23 -10.49
C VAL A 115 -4.53 6.94 -11.94
N ALA A 116 -4.67 5.67 -12.28
CA ALA A 116 -5.04 5.30 -13.63
C ALA A 116 -6.38 5.95 -14.02
N ALA A 117 -7.34 5.93 -13.10
CA ALA A 117 -8.65 6.52 -13.37
C ALA A 117 -8.52 8.04 -13.50
N ALA A 118 -7.78 8.66 -12.59
CA ALA A 118 -7.57 10.11 -12.65
C ALA A 118 -6.85 10.47 -13.95
N ASP A 119 -5.88 9.66 -14.34
CA ASP A 119 -5.14 9.91 -15.56
C ASP A 119 -6.01 9.73 -16.80
N GLU A 120 -7.00 8.83 -16.74
CA GLU A 120 -7.88 8.63 -17.89
C GLU A 120 -8.79 9.84 -18.02
N ILE A 121 -9.31 10.32 -16.90
CA ILE A 121 -10.16 11.51 -16.89
C ILE A 121 -9.38 12.67 -17.53
N ALA A 122 -8.17 12.90 -17.05
CA ALA A 122 -7.33 13.94 -17.60
C ALA A 122 -7.14 13.74 -19.10
N ARG A 123 -6.92 12.51 -19.52
CA ARG A 123 -6.72 12.23 -20.94
C ARG A 123 -8.01 12.48 -21.73
N LEU A 124 -9.15 12.14 -21.15
CA LEU A 124 -10.43 12.37 -21.79
C LEU A 124 -10.68 13.86 -21.88
N ALA A 125 -10.31 14.59 -20.83
CA ALA A 125 -10.46 16.03 -20.81
C ALA A 125 -9.62 16.67 -21.91
N GLN A 126 -8.36 16.27 -22.02
CA GLN A 126 -7.51 16.83 -23.06
C GLN A 126 -8.10 16.50 -24.43
N GLY A 127 -8.62 15.28 -24.56
CA GLY A 127 -9.22 14.91 -25.82
C GLY A 127 -10.32 15.86 -26.23
N GLN A 128 -11.21 16.17 -25.29
CA GLN A 128 -12.31 17.08 -25.55
C GLN A 128 -11.82 18.47 -25.98
N ALA A 129 -10.86 19.03 -25.24
CA ALA A 129 -10.30 20.35 -25.56
C ALA A 129 -9.71 20.35 -26.95
N ASN A 130 -9.03 19.26 -27.31
CA ASN A 130 -8.45 19.16 -28.63
C ASN A 130 -9.53 19.23 -29.68
N ASN A 131 -10.66 18.56 -29.44
CA ASN A 131 -11.73 18.62 -30.42
C ASN A 131 -12.21 20.05 -30.57
N ALA A 132 -12.47 20.72 -29.46
CA ALA A 132 -12.93 22.10 -29.57
C ALA A 132 -11.85 22.99 -30.19
N THR A 133 -10.59 22.80 -29.82
CA THR A 133 -9.52 23.62 -30.41
C THR A 133 -9.45 23.41 -31.92
N THR A 134 -9.53 22.16 -32.35
CA THR A 134 -9.51 21.86 -33.81
C THR A 134 -10.72 22.48 -34.53
N SER A 135 -11.87 22.51 -33.86
CA SER A 135 -13.07 23.07 -34.44
C SER A 135 -12.92 24.59 -34.61
N ALA A 136 -12.56 25.27 -33.52
CA ALA A 136 -12.34 26.72 -33.53
C ALA A 136 -11.35 27.10 -34.64
N GLY A 137 -10.28 26.34 -34.78
CA GLY A 137 -9.34 26.63 -35.84
C GLY A 137 -10.00 26.54 -37.20
N ALA A 138 -10.85 25.52 -37.39
CA ALA A 138 -11.54 25.37 -38.67
C ALA A 138 -12.46 26.54 -38.88
N THR A 139 -13.29 26.84 -37.87
CA THR A 139 -14.23 27.94 -37.98
C THR A 139 -13.50 29.22 -38.33
N GLN A 140 -12.49 29.56 -37.54
CA GLN A 140 -11.74 30.78 -37.79
C GLN A 140 -11.11 30.77 -39.17
N ALA A 141 -10.52 29.64 -39.53
CA ALA A 141 -9.89 29.52 -40.85
C ALA A 141 -10.96 29.81 -41.88
N GLY A 142 -12.20 29.49 -41.53
CA GLY A 142 -13.34 29.72 -42.41
C GLY A 142 -13.65 31.19 -42.64
N ILE A 143 -13.44 32.02 -41.62
CA ILE A 143 -13.66 33.45 -41.76
C ILE A 143 -12.82 34.05 -42.88
N TYR A 144 -11.62 33.50 -43.09
CA TYR A 144 -10.74 34.02 -44.14
C TYR A 144 -11.08 33.48 -45.52
N ASP A 145 -11.97 32.52 -45.60
CA ASP A 145 -12.38 31.96 -46.90
C ASP A 145 -13.60 32.73 -47.39
N LEU A 146 -14.11 33.59 -46.52
CA LEU A 146 -15.29 34.39 -46.84
C LEU A 146 -15.15 35.16 -48.14
N ILE A 147 -14.03 35.86 -48.30
CA ILE A 147 -13.78 36.61 -49.52
C ILE A 147 -14.21 35.74 -50.72
N GLU A 148 -15.41 36.01 -51.23
CA GLU A 148 -15.98 35.29 -52.36
C GLU A 148 -17.40 35.79 -52.63
N GLN A 149 -17.55 37.11 -52.68
CA GLN A 149 -18.85 37.73 -52.92
C GLN A 149 -19.85 37.24 -51.89
N ASP A 150 -19.32 36.75 -50.77
CA ASP A 150 -20.09 36.23 -49.65
C ASP A 150 -20.14 37.33 -48.59
N GLN A 151 -21.33 37.88 -48.35
CA GLN A 151 -21.50 38.95 -47.36
C GLN A 151 -20.94 38.53 -46.01
N ARG A 152 -19.70 38.96 -45.79
CA ARG A 152 -18.94 38.70 -44.58
C ARG A 152 -19.75 38.82 -43.30
N GLN A 153 -20.00 40.06 -42.90
CA GLN A 153 -20.71 40.40 -41.68
C GLN A 153 -21.72 39.40 -41.15
N ALA A 154 -22.58 38.89 -42.02
CA ALA A 154 -23.57 37.91 -41.59
C ALA A 154 -22.84 36.66 -41.09
N ALA A 155 -21.97 36.09 -41.93
CA ALA A 155 -21.21 34.90 -41.59
C ALA A 155 -20.18 35.20 -40.50
N GLU A 156 -19.31 36.17 -40.76
CA GLU A 156 -18.26 36.59 -39.83
C GLU A 156 -18.76 36.68 -38.40
N SER A 157 -19.92 37.30 -38.23
CA SER A 157 -20.49 37.48 -36.91
C SER A 157 -20.93 36.17 -36.26
N ALA A 158 -21.40 35.23 -37.07
CA ALA A 158 -21.87 33.94 -36.57
C ALA A 158 -20.68 33.04 -36.25
N LEU A 159 -19.73 32.99 -37.17
CA LEU A 159 -18.53 32.18 -36.98
C LEU A 159 -17.82 32.65 -35.71
N ASP A 160 -17.70 33.96 -35.56
CA ASP A 160 -17.04 34.52 -34.39
C ASP A 160 -17.70 34.02 -33.13
N ARG A 161 -19.02 34.10 -33.07
CA ARG A 161 -19.79 33.65 -31.91
C ARG A 161 -19.55 32.15 -31.65
N LEU A 162 -19.37 31.38 -32.72
CA LEU A 162 -19.10 29.95 -32.62
C LEU A 162 -17.72 29.65 -32.05
N ILE A 163 -16.72 30.40 -32.50
CA ILE A 163 -15.36 30.23 -32.01
C ILE A 163 -15.34 30.55 -30.53
N ASP A 164 -16.02 31.61 -30.09
CA ASP A 164 -16.05 31.93 -28.68
C ASP A 164 -16.64 30.77 -27.87
N ILE A 165 -17.69 30.13 -28.37
CA ILE A 165 -18.28 28.99 -27.67
C ILE A 165 -17.24 27.84 -27.65
N ASP A 166 -16.64 27.51 -28.78
CA ASP A 166 -15.61 26.48 -28.78
C ASP A 166 -14.56 26.79 -27.68
N LEU A 167 -13.89 27.94 -27.78
CA LEU A 167 -12.88 28.33 -26.79
C LEU A 167 -13.37 28.22 -25.36
N GLU A 168 -14.65 28.49 -25.15
CA GLU A 168 -15.21 28.43 -23.81
C GLU A 168 -15.18 26.96 -23.31
N TYR A 169 -15.46 26.01 -24.21
CA TYR A 169 -15.44 24.60 -23.83
C TYR A 169 -13.99 24.16 -23.59
N VAL A 170 -13.05 24.79 -24.29
CA VAL A 170 -11.63 24.50 -24.09
C VAL A 170 -11.26 24.79 -22.65
N ASN A 171 -11.65 25.95 -22.15
CA ASN A 171 -11.33 26.29 -20.77
C ASN A 171 -11.95 25.23 -19.87
N GLN A 172 -13.25 24.98 -20.03
CA GLN A 172 -13.93 23.99 -19.20
C GLN A 172 -13.20 22.66 -19.17
N MET A 173 -12.69 22.22 -20.31
CA MET A 173 -11.95 20.97 -20.37
C MET A 173 -10.58 21.12 -19.73
N ASN A 174 -9.89 22.23 -19.98
CA ASN A 174 -8.57 22.45 -19.38
C ASN A 174 -8.71 22.47 -17.85
N GLU A 175 -9.85 22.96 -17.36
CA GLU A 175 -10.05 22.99 -15.93
C GLU A 175 -10.37 21.60 -15.40
N LEU A 176 -10.89 20.74 -16.27
CA LEU A 176 -11.23 19.37 -15.86
C LEU A 176 -9.93 18.58 -15.79
N ARG A 177 -9.11 18.69 -16.83
CA ARG A 177 -7.82 18.00 -16.86
C ARG A 177 -7.01 18.37 -15.63
N LEU A 178 -7.04 19.65 -15.27
CA LEU A 178 -6.29 20.12 -14.10
C LEU A 178 -6.82 19.53 -12.79
N SER A 179 -8.14 19.56 -12.59
CA SER A 179 -8.74 19.01 -11.38
C SER A 179 -8.37 17.56 -11.23
N ALA A 180 -8.40 16.85 -12.35
CA ALA A 180 -8.07 15.44 -12.38
C ALA A 180 -6.60 15.23 -12.04
N LEU A 181 -5.72 16.03 -12.63
CA LEU A 181 -4.29 15.85 -12.33
C LEU A 181 -3.98 16.19 -10.87
N ARG A 182 -4.64 17.21 -10.33
CA ARG A 182 -4.45 17.58 -8.94
C ARG A 182 -4.60 16.32 -8.08
N VAL A 183 -5.80 15.73 -8.16
CA VAL A 183 -6.14 14.52 -7.42
C VAL A 183 -5.15 13.40 -7.67
N GLN A 184 -4.80 13.17 -8.94
CA GLN A 184 -3.86 12.12 -9.26
C GLN A 184 -2.58 12.28 -8.47
N GLN A 185 -2.09 13.51 -8.40
CA GLN A 185 -0.86 13.79 -7.65
C GLN A 185 -1.04 13.59 -6.15
N MET A 186 -2.13 14.10 -5.59
CA MET A 186 -2.37 13.94 -4.18
C MET A 186 -2.31 12.46 -3.79
N VAL A 187 -2.96 11.62 -4.58
CA VAL A 187 -2.95 10.18 -4.33
C VAL A 187 -1.53 9.65 -4.46
N MET A 188 -0.84 10.04 -5.52
CA MET A 188 0.54 9.60 -5.70
C MET A 188 1.41 10.06 -4.53
N ASN A 189 0.91 10.96 -3.70
CA ASN A 189 1.67 11.46 -2.58
C ASN A 189 1.50 10.73 -1.25
N LEU A 190 0.48 9.88 -1.14
CA LEU A 190 0.24 9.14 0.10
C LEU A 190 1.32 8.07 0.32
N GLY A 191 1.69 7.84 1.58
CA GLY A 191 2.71 6.84 1.86
C GLY A 191 2.88 6.37 3.30
N LEU A 192 1.84 6.54 4.12
CA LEU A 192 1.85 6.11 5.51
C LEU A 192 2.66 7.06 6.39
N GLU A 193 3.91 7.27 6.02
CA GLU A 193 4.79 8.18 6.74
C GLU A 193 4.03 9.49 6.91
N GLN A 194 3.50 10.02 5.80
CA GLN A 194 2.73 11.27 5.82
C GLN A 194 1.27 11.06 6.18
N ILE A 195 0.76 9.85 5.99
CA ILE A 195 -0.63 9.57 6.34
C ILE A 195 -0.73 9.55 7.85
N GLN A 196 0.43 9.38 8.49
CA GLN A 196 0.50 9.33 9.95
C GLN A 196 0.61 10.75 10.51
N LYS A 197 1.62 11.47 10.05
CA LYS A 197 1.84 12.84 10.49
C LYS A 197 0.64 13.74 10.25
N ASN A 198 0.46 14.16 9.00
CA ASN A 198 -0.65 15.02 8.61
C ASN A 198 -1.75 14.24 7.91
N ALA A 199 -2.55 13.52 8.70
CA ALA A 199 -3.64 12.71 8.17
C ALA A 199 -4.91 13.49 7.86
N PRO A 200 -5.47 14.19 8.85
CA PRO A 200 -6.69 14.96 8.60
C PRO A 200 -6.56 16.02 7.51
N THR A 201 -5.35 16.56 7.37
CA THR A 201 -5.08 17.58 6.35
C THR A 201 -5.20 16.97 4.95
N LEU A 202 -4.39 15.95 4.70
CA LEU A 202 -4.39 15.26 3.41
C LEU A 202 -5.78 14.77 3.07
N GLU A 203 -6.56 14.41 4.08
CA GLU A 203 -7.91 13.91 3.83
C GLU A 203 -8.84 15.01 3.35
N LYS A 204 -9.15 15.98 4.21
CA LYS A 204 -10.03 17.06 3.80
C LYS A 204 -9.51 17.74 2.55
N GLN A 205 -8.22 17.54 2.27
CA GLN A 205 -7.60 18.14 1.09
C GLN A 205 -8.11 17.47 -0.18
N LEU A 206 -8.19 16.14 -0.17
CA LEU A 206 -8.67 15.36 -1.30
C LEU A 206 -10.19 15.44 -1.44
N ASN A 207 -10.87 15.60 -0.31
CA ASN A 207 -12.32 15.66 -0.37
C ASN A 207 -12.74 16.79 -1.30
N ASN A 208 -12.11 17.95 -1.15
CA ASN A 208 -12.43 19.09 -2.01
C ASN A 208 -11.97 18.82 -3.43
N ALA A 209 -10.69 18.48 -3.58
CA ALA A 209 -10.12 18.15 -4.88
C ALA A 209 -10.99 17.17 -5.66
N VAL A 210 -11.68 16.29 -4.95
CA VAL A 210 -12.55 15.30 -5.57
C VAL A 210 -13.97 15.85 -5.74
N LYS A 211 -14.43 16.62 -4.76
CA LYS A 211 -15.76 17.20 -4.85
C LYS A 211 -15.77 18.21 -5.99
N ILE A 212 -14.59 18.77 -6.25
CA ILE A 212 -14.39 19.73 -7.33
C ILE A 212 -14.43 18.96 -8.65
N LEU A 213 -13.61 17.92 -8.72
CA LEU A 213 -13.51 17.07 -9.90
C LEU A 213 -14.90 16.55 -10.31
N GLN A 214 -15.74 16.29 -9.32
CA GLN A 214 -17.08 15.77 -9.56
C GLN A 214 -17.97 16.86 -10.15
N ARG A 215 -17.87 18.05 -9.57
CA ARG A 215 -18.62 19.23 -10.00
C ARG A 215 -18.34 19.44 -11.49
N ARG A 216 -17.06 19.60 -11.84
CA ARG A 216 -16.63 19.80 -13.21
C ARG A 216 -16.94 18.60 -14.10
N GLN A 217 -17.09 17.44 -13.47
CA GLN A 217 -17.39 16.19 -14.17
C GLN A 217 -18.74 16.37 -14.84
N ILE A 218 -19.74 16.73 -14.04
CA ILE A 218 -21.09 16.95 -14.54
C ILE A 218 -21.12 18.32 -15.21
N ARG A 219 -20.52 18.42 -16.38
CA ARG A 219 -20.49 19.69 -17.10
C ARG A 219 -19.85 19.40 -18.45
N ILE A 220 -19.69 18.12 -18.73
CA ILE A 220 -19.12 17.71 -19.99
C ILE A 220 -20.24 17.86 -21.00
N GLU A 221 -19.87 18.16 -22.24
CA GLU A 221 -20.83 18.33 -23.31
C GLU A 221 -21.56 17.02 -23.55
N ASP A 222 -21.10 16.30 -24.57
CA ASP A 222 -21.66 15.02 -24.98
C ASP A 222 -21.72 14.02 -23.83
N PRO A 223 -22.90 13.85 -23.22
CA PRO A 223 -23.08 12.91 -22.10
C PRO A 223 -22.50 11.51 -22.34
N GLY A 224 -22.17 11.20 -23.59
CA GLY A 224 -21.60 9.91 -23.91
C GLY A 224 -20.26 9.80 -23.21
N VAL A 225 -19.47 10.88 -23.29
CA VAL A 225 -18.16 10.93 -22.65
C VAL A 225 -18.39 11.32 -21.19
N ARG A 226 -19.42 12.13 -20.95
CA ARG A 226 -19.73 12.54 -19.59
C ARG A 226 -20.06 11.28 -18.77
N ALA A 227 -20.31 10.18 -19.49
CA ALA A 227 -20.64 8.89 -18.88
C ALA A 227 -19.38 8.16 -18.44
N GLN A 228 -18.41 8.02 -19.35
CA GLN A 228 -17.16 7.34 -19.02
C GLN A 228 -16.52 8.02 -17.82
N VAL A 229 -16.55 9.34 -17.80
CA VAL A 229 -15.96 10.09 -16.70
C VAL A 229 -16.71 9.80 -15.44
N ALA A 230 -18.00 9.49 -15.59
CA ALA A 230 -18.82 9.19 -14.44
C ALA A 230 -18.40 7.86 -13.82
N THR A 231 -18.11 6.85 -14.65
CA THR A 231 -17.71 5.56 -14.12
C THR A 231 -16.33 5.70 -13.50
N THR A 232 -15.43 6.37 -14.21
CA THR A 232 -14.07 6.56 -13.69
C THR A 232 -14.11 7.27 -12.35
N LEU A 233 -15.01 8.24 -12.22
CA LEU A 233 -15.13 8.98 -10.97
C LEU A 233 -15.41 8.05 -9.80
N THR A 234 -16.29 7.07 -9.98
CA THR A 234 -16.60 6.16 -8.89
C THR A 234 -15.33 5.43 -8.43
N THR A 235 -14.42 5.13 -9.35
CA THR A 235 -13.16 4.49 -8.99
C THR A 235 -12.28 5.43 -8.16
N VAL A 236 -12.16 6.68 -8.59
CA VAL A 236 -11.33 7.63 -7.86
C VAL A 236 -11.96 7.99 -6.50
N SER A 237 -13.27 7.84 -6.37
CA SER A 237 -13.95 8.15 -5.10
C SER A 237 -13.66 7.15 -3.99
N GLN A 238 -12.88 6.13 -4.29
CA GLN A 238 -12.53 5.12 -3.29
C GLN A 238 -11.31 5.56 -2.49
N TYR A 239 -10.76 6.71 -2.84
CA TYR A 239 -9.60 7.25 -2.15
C TYR A 239 -9.79 7.20 -0.64
N SER A 240 -11.03 7.28 -0.18
CA SER A 240 -11.31 7.24 1.25
C SER A 240 -10.93 5.89 1.85
N ASP A 241 -11.06 4.83 1.06
CA ASP A 241 -10.70 3.48 1.49
C ASP A 241 -9.18 3.35 1.49
N LEU A 242 -8.55 3.83 0.43
CA LEU A 242 -7.11 3.80 0.33
C LEU A 242 -6.52 4.50 1.58
N LEU A 243 -7.35 5.32 2.22
CA LEU A 243 -6.92 6.03 3.42
C LEU A 243 -7.05 5.11 4.62
N ALA A 244 -8.16 4.37 4.65
CA ALA A 244 -8.45 3.42 5.71
C ALA A 244 -7.37 2.35 5.74
N LEU A 245 -6.95 1.91 4.55
CA LEU A 245 -5.91 0.90 4.43
C LEU A 245 -4.64 1.42 5.09
N TYR A 246 -4.21 2.61 4.71
CA TYR A 246 -3.01 3.19 5.30
C TYR A 246 -3.11 3.31 6.83
N GLN A 247 -4.29 3.66 7.34
CA GLN A 247 -4.46 3.79 8.79
C GLN A 247 -4.21 2.47 9.49
N GLN A 248 -4.98 1.44 9.11
CA GLN A 248 -4.84 0.11 9.68
C GLN A 248 -3.38 -0.33 9.63
N ASP A 249 -2.72 -0.04 8.53
CA ASP A 249 -1.32 -0.39 8.34
C ASP A 249 -0.47 0.21 9.48
N SER A 250 -0.79 1.44 9.89
CA SER A 250 -0.02 2.08 10.96
C SER A 250 -0.48 1.61 12.34
N GLU A 251 -1.73 1.17 12.44
CA GLU A 251 -2.28 0.67 13.70
C GLU A 251 -1.62 -0.66 14.02
N ILE A 252 -1.13 -1.32 12.98
CA ILE A 252 -0.48 -2.60 13.14
C ILE A 252 1.02 -2.41 13.24
N SER A 253 1.55 -1.50 12.42
CA SER A 253 2.99 -1.24 12.42
C SER A 253 3.53 -0.84 13.80
N ASN A 254 2.76 -0.03 14.53
CA ASN A 254 3.17 0.40 15.86
C ASN A 254 3.06 -0.80 16.78
N HIS A 255 1.98 -1.56 16.59
CA HIS A 255 1.68 -2.77 17.35
C HIS A 255 2.87 -3.71 17.25
N LEU A 256 3.19 -4.08 16.02
CA LEU A 256 4.31 -4.96 15.72
C LEU A 256 5.60 -4.42 16.33
N GLN A 257 5.72 -3.10 16.44
CA GLN A 257 6.90 -2.46 17.00
C GLN A 257 6.97 -2.74 18.50
N THR A 258 5.85 -2.60 19.19
CA THR A 258 5.77 -2.87 20.62
C THR A 258 6.28 -4.28 20.90
N LEU A 259 5.69 -5.26 20.22
CA LEU A 259 6.08 -6.66 20.39
C LEU A 259 7.55 -6.92 20.09
N ALA A 260 8.12 -6.20 19.12
CA ALA A 260 9.52 -6.36 18.73
C ALA A 260 10.49 -6.00 19.87
N GLN A 261 10.04 -5.17 20.80
CA GLN A 261 10.85 -4.75 21.94
C GLN A 261 10.67 -5.76 23.08
N ASN A 262 9.49 -6.34 23.19
CA ASN A 262 9.25 -7.35 24.23
C ASN A 262 10.12 -8.56 23.90
N ASN A 263 10.33 -8.80 22.61
CA ASN A 263 11.12 -9.93 22.19
C ASN A 263 12.53 -9.87 22.75
N ILE A 264 13.11 -8.68 22.78
CA ILE A 264 14.46 -8.49 23.29
C ILE A 264 14.63 -9.24 24.60
N ALA A 265 13.87 -8.84 25.60
CA ALA A 265 13.97 -9.48 26.90
C ALA A 265 13.66 -10.97 26.83
N GLN A 266 12.66 -11.34 26.04
CA GLN A 266 12.29 -12.74 25.91
C GLN A 266 13.42 -13.52 25.29
N PHE A 267 13.89 -13.05 24.14
CA PHE A 267 14.98 -13.69 23.44
C PHE A 267 16.26 -13.73 24.26
N ALA A 268 16.47 -12.71 25.09
CA ALA A 268 17.65 -12.64 25.94
C ALA A 268 17.58 -13.76 26.98
N GLN A 269 16.40 -13.95 27.55
CA GLN A 269 16.16 -14.97 28.56
C GLN A 269 16.28 -16.37 27.98
N PHE A 270 15.72 -16.55 26.80
CA PHE A 270 15.74 -17.84 26.12
C PHE A 270 17.15 -18.32 25.78
N SER A 271 17.86 -17.54 24.96
CA SER A 271 19.20 -17.89 24.54
C SER A 271 20.07 -18.12 25.78
N SER A 272 19.97 -17.20 26.73
CA SER A 272 20.73 -17.28 27.96
C SER A 272 20.50 -18.58 28.72
N GLU A 273 19.30 -19.12 28.59
CA GLU A 273 18.96 -20.38 29.24
C GLU A 273 19.44 -21.57 28.44
N VAL A 274 19.64 -21.38 27.15
CA VAL A 274 20.14 -22.45 26.31
C VAL A 274 21.61 -22.60 26.66
N SER A 275 22.31 -21.46 26.71
CA SER A 275 23.72 -21.43 27.07
C SER A 275 23.92 -22.18 28.38
N GLN A 276 23.11 -21.83 29.37
CA GLN A 276 23.18 -22.45 30.68
C GLN A 276 23.01 -23.96 30.62
N LEU A 277 22.09 -24.42 29.78
CA LEU A 277 21.84 -25.85 29.66
C LEU A 277 22.96 -26.50 28.88
N VAL A 278 23.36 -25.87 27.77
CA VAL A 278 24.45 -26.40 26.95
C VAL A 278 25.66 -26.62 27.86
N ASP A 279 25.91 -25.67 28.75
CA ASP A 279 27.03 -25.78 29.70
C ASP A 279 26.85 -27.01 30.56
N THR A 280 25.76 -27.05 31.32
CA THR A 280 25.46 -28.18 32.18
C THR A 280 25.70 -29.50 31.44
N ILE A 281 25.77 -29.42 30.11
CA ILE A 281 25.98 -30.60 29.26
C ILE A 281 27.46 -30.80 28.92
N GLU A 282 28.19 -29.72 28.74
CA GLU A 282 29.61 -29.78 28.42
C GLU A 282 30.46 -29.87 29.68
N LEU A 283 29.80 -29.77 30.83
CA LEU A 283 30.47 -29.83 32.12
C LEU A 283 30.19 -31.17 32.78
N ARG A 284 28.98 -31.66 32.61
CA ARG A 284 28.59 -32.95 33.18
C ARG A 284 29.13 -34.03 32.27
N ASN A 285 29.57 -33.63 31.08
CA ASN A 285 30.11 -34.56 30.11
C ASN A 285 31.50 -35.07 30.48
N GLN A 286 32.11 -34.46 31.50
CA GLN A 286 33.45 -34.86 31.92
C GLN A 286 33.53 -35.37 33.35
#